data_2JT6
#
_entry.id   2JT6
#
_cell.length_a   1.000
_cell.length_b   1.000
_cell.length_c   1.000
_cell.angle_alpha   90.00
_cell.angle_beta   90.00
_cell.angle_gamma   90.00
#
_symmetry.space_group_name_H-M   'P 1'
#
loop_
_entity.id
_entity.type
_entity.pdbx_description
1 polymer Stromelysin-1
2 non-polymer 'ZINC ION'
3 non-polymer 'CALCIUM ION'
4 non-polymer "3-[(4'-cyanobiphenyl-4-yl)oxy]-N-hydroxypropanamide"
#
_entity_poly.entity_id   1
_entity_poly.type   'polypeptide(L)'
_entity_poly.pdbx_seq_one_letter_code
;GIPKWRKTHLTYRIVNYTPDLPKDAVDSAVEKALKVWEEVTPLTFSRLYEGEADIMISFAVREHGDFYPFDGPGNVLAHA
YAPGPGINGDAHFDDDEQWTKDTTGTNLFLVAAHEIGHSLGLFHSANTEALMYPLYHSLTDLTRFRLSQDDINGIQSLYG
P
;
_entity_poly.pdbx_strand_id   A
#
# COMPACT_ATOMS: atom_id res chain seq x y z
N GLY A 1 -1.16 12.90 -16.72
CA GLY A 1 -2.17 11.79 -16.70
C GLY A 1 -1.77 10.57 -17.52
N ILE A 2 -1.13 9.61 -16.87
CA ILE A 2 -0.69 8.37 -17.52
C ILE A 2 -0.64 7.19 -16.53
N PRO A 3 -1.79 6.53 -16.28
CA PRO A 3 -1.89 5.43 -15.32
C PRO A 3 -1.45 4.06 -15.89
N LYS A 4 -1.78 2.99 -15.16
CA LYS A 4 -1.42 1.62 -15.55
C LYS A 4 -1.99 1.21 -16.90
N TRP A 5 -1.14 1.21 -17.93
CA TRP A 5 -1.53 0.84 -19.29
C TRP A 5 -2.76 1.63 -19.78
N ARG A 6 -2.89 2.86 -19.26
CA ARG A 6 -4.01 3.78 -19.59
C ARG A 6 -5.36 3.29 -19.04
N LYS A 7 -5.35 2.41 -18.06
CA LYS A 7 -6.59 1.90 -17.49
C LYS A 7 -7.03 2.73 -16.26
N THR A 8 -8.26 3.24 -16.32
CA THR A 8 -8.83 4.04 -15.22
C THR A 8 -9.43 3.15 -14.13
N HIS A 9 -9.83 1.95 -14.51
CA HIS A 9 -10.45 1.00 -13.58
C HIS A 9 -9.50 -0.14 -13.21
N LEU A 10 -9.19 -0.25 -11.93
CA LEU A 10 -8.31 -1.30 -11.44
C LEU A 10 -9.00 -2.15 -10.38
N THR A 11 -8.76 -3.46 -10.43
CA THR A 11 -9.35 -4.36 -9.46
C THR A 11 -8.32 -4.83 -8.44
N TYR A 12 -8.70 -4.96 -7.19
CA TYR A 12 -7.77 -5.41 -6.17
C TYR A 12 -8.31 -6.63 -5.42
N ARG A 13 -7.40 -7.52 -5.04
CA ARG A 13 -7.76 -8.74 -4.35
C ARG A 13 -7.01 -8.90 -3.02
N ILE A 14 -7.74 -9.20 -1.97
CA ILE A 14 -7.15 -9.41 -0.65
C ILE A 14 -6.72 -10.87 -0.46
N VAL A 15 -5.43 -11.09 -0.35
CA VAL A 15 -4.89 -12.44 -0.14
C VAL A 15 -3.89 -12.43 1.02
N ASN A 16 -4.06 -11.45 1.89
CA ASN A 16 -3.21 -11.29 3.06
C ASN A 16 -4.06 -11.12 4.32
N TYR A 17 -3.43 -11.22 5.47
CA TYR A 17 -4.14 -11.05 6.72
C TYR A 17 -3.20 -10.62 7.85
N THR A 18 -3.65 -10.77 9.08
CA THR A 18 -2.86 -10.43 10.26
C THR A 18 -3.12 -11.44 11.37
N PRO A 19 -2.06 -12.08 11.88
CA PRO A 19 -2.16 -13.08 12.96
C PRO A 19 -2.31 -12.45 14.35
N ASP A 20 -2.03 -11.16 14.45
CA ASP A 20 -2.09 -10.45 15.74
C ASP A 20 -3.41 -9.68 15.94
N LEU A 21 -3.92 -9.04 14.89
CA LEU A 21 -5.14 -8.25 15.01
C LEU A 21 -6.33 -8.82 14.20
N PRO A 22 -7.56 -8.29 14.43
CA PRO A 22 -8.77 -8.72 13.71
C PRO A 22 -8.66 -8.52 12.19
N LYS A 23 -9.66 -8.97 11.45
CA LYS A 23 -9.62 -8.84 9.99
C LYS A 23 -9.96 -7.42 9.53
N ASP A 24 -10.60 -6.63 10.38
CA ASP A 24 -10.90 -5.23 10.06
C ASP A 24 -9.59 -4.45 9.91
N ALA A 25 -8.57 -4.90 10.64
CA ALA A 25 -7.26 -4.25 10.59
C ALA A 25 -6.60 -4.42 9.23
N VAL A 26 -6.77 -5.59 8.60
CA VAL A 26 -6.14 -5.84 7.30
C VAL A 26 -7.05 -5.51 6.11
N ASP A 27 -8.27 -6.05 6.10
CA ASP A 27 -9.21 -5.81 4.99
C ASP A 27 -9.51 -4.31 4.81
N SER A 28 -9.94 -3.67 5.90
CA SER A 28 -10.25 -2.23 5.85
C SER A 28 -9.01 -1.40 5.54
N ALA A 29 -7.83 -1.88 5.96
CA ALA A 29 -6.57 -1.17 5.67
C ALA A 29 -6.33 -1.13 4.16
N VAL A 30 -6.46 -2.29 3.52
CA VAL A 30 -6.28 -2.39 2.07
C VAL A 30 -7.28 -1.46 1.36
N GLU A 31 -8.54 -1.50 1.76
CA GLU A 31 -9.57 -0.66 1.15
C GLU A 31 -9.35 0.83 1.45
N LYS A 32 -9.06 1.18 2.71
CA LYS A 32 -8.82 2.58 3.06
C LYS A 32 -7.61 3.14 2.31
N ALA A 33 -6.57 2.32 2.17
CA ALA A 33 -5.38 2.74 1.42
C ALA A 33 -5.72 2.86 -0.06
N LEU A 34 -6.45 1.88 -0.55
CA LEU A 34 -6.90 1.83 -1.94
C LEU A 34 -7.80 3.04 -2.26
N LYS A 35 -8.78 3.29 -1.40
CA LYS A 35 -9.70 4.40 -1.60
C LYS A 35 -9.14 5.76 -1.14
N VAL A 36 -8.03 5.76 -0.40
CA VAL A 36 -7.43 7.04 0.02
C VAL A 36 -6.98 7.81 -1.24
N TRP A 37 -6.68 7.05 -2.29
CA TRP A 37 -6.31 7.63 -3.57
C TRP A 37 -7.58 7.94 -4.37
N GLU A 38 -8.67 7.26 -4.02
CA GLU A 38 -9.98 7.51 -4.63
C GLU A 38 -10.53 8.84 -4.10
N GLU A 39 -10.22 9.11 -2.84
CA GLU A 39 -10.63 10.35 -2.17
C GLU A 39 -9.77 11.54 -2.63
N VAL A 40 -8.67 11.25 -3.35
CA VAL A 40 -7.77 12.31 -3.84
C VAL A 40 -7.77 12.43 -5.38
N THR A 41 -7.89 11.29 -6.08
CA THR A 41 -7.93 11.30 -7.56
C THR A 41 -9.14 10.50 -8.08
N PRO A 42 -9.66 10.89 -9.26
CA PRO A 42 -10.85 10.23 -9.86
C PRO A 42 -10.59 8.79 -10.38
N LEU A 43 -10.02 7.93 -9.55
CA LEU A 43 -9.74 6.55 -9.92
C LEU A 43 -10.92 5.62 -9.58
N THR A 44 -11.11 4.56 -10.35
CA THR A 44 -12.21 3.60 -10.09
C THR A 44 -11.66 2.20 -9.77
N PHE A 45 -12.14 1.60 -8.68
CA PHE A 45 -11.66 0.27 -8.28
C PHE A 45 -12.78 -0.70 -7.85
N SER A 46 -12.43 -1.97 -7.77
CA SER A 46 -13.36 -3.04 -7.35
C SER A 46 -12.63 -4.13 -6.55
N ARG A 47 -13.21 -4.55 -5.43
CA ARG A 47 -12.60 -5.60 -4.58
C ARG A 47 -13.24 -6.96 -4.83
N LEU A 48 -12.45 -7.94 -5.25
CA LEU A 48 -12.95 -9.28 -5.54
C LEU A 48 -12.02 -10.39 -5.01
N TYR A 49 -12.23 -11.63 -5.46
CA TYR A 49 -11.41 -12.76 -4.99
C TYR A 49 -11.09 -13.80 -6.07
N GLU A 50 -11.78 -13.73 -7.22
CA GLU A 50 -11.63 -14.67 -8.38
C GLU A 50 -10.35 -15.51 -8.36
N GLY A 51 -9.25 -14.92 -8.79
CA GLY A 51 -7.97 -15.63 -8.81
C GLY A 51 -6.79 -14.66 -8.68
N GLU A 52 -6.80 -13.63 -9.52
CA GLU A 52 -5.76 -12.60 -9.50
C GLU A 52 -6.30 -11.32 -10.13
N ALA A 53 -6.49 -10.31 -9.30
CA ALA A 53 -6.97 -9.02 -9.80
C ALA A 53 -5.79 -8.14 -10.21
N ASP A 54 -6.06 -6.97 -10.76
CA ASP A 54 -4.98 -6.07 -11.16
C ASP A 54 -3.98 -5.93 -9.99
N ILE A 55 -4.48 -5.45 -8.86
CA ILE A 55 -3.67 -5.27 -7.66
C ILE A 55 -3.88 -6.45 -6.69
N MET A 56 -2.82 -7.23 -6.46
CA MET A 56 -2.91 -8.38 -5.56
C MET A 56 -2.11 -8.16 -4.27
N ILE A 57 -2.81 -8.00 -3.17
CA ILE A 57 -2.18 -7.81 -1.86
C ILE A 57 -2.09 -9.14 -1.13
N SER A 58 -0.89 -9.71 -1.03
CA SER A 58 -0.70 -11.00 -0.39
C SER A 58 0.17 -10.92 0.87
N PHE A 59 0.10 -11.95 1.71
CA PHE A 59 0.90 -12.00 2.93
C PHE A 59 2.24 -12.69 2.68
N ALA A 60 3.22 -12.38 3.49
CA ALA A 60 4.54 -12.99 3.36
C ALA A 60 5.12 -13.35 4.73
N VAL A 61 5.09 -14.64 5.04
CA VAL A 61 5.64 -15.13 6.31
C VAL A 61 7.18 -15.29 6.19
N ARG A 62 7.83 -15.81 7.23
CA ARG A 62 9.29 -16.00 7.24
C ARG A 62 9.86 -16.68 5.98
N GLU A 63 9.04 -17.45 5.24
CA GLU A 63 9.50 -18.12 4.01
C GLU A 63 9.54 -17.13 2.82
N HIS A 64 9.75 -15.85 3.14
CA HIS A 64 9.80 -14.79 2.13
C HIS A 64 11.12 -14.80 1.33
N GLY A 65 11.27 -15.76 0.43
CA GLY A 65 12.50 -15.86 -0.35
C GLY A 65 12.45 -15.21 -1.73
N ASP A 66 11.58 -14.22 -1.93
CA ASP A 66 11.51 -13.55 -3.24
C ASP A 66 12.23 -12.19 -3.22
N PHE A 67 12.69 -11.77 -2.05
CA PHE A 67 13.39 -10.49 -1.91
C PHE A 67 14.18 -10.42 -0.59
N TYR A 68 13.51 -10.73 0.53
CA TYR A 68 14.16 -10.69 1.84
C TYR A 68 13.40 -11.58 2.86
N PRO A 69 14.12 -12.45 3.58
CA PRO A 69 13.51 -13.32 4.60
C PRO A 69 12.97 -12.53 5.80
N PHE A 70 12.25 -13.20 6.70
CA PHE A 70 11.69 -12.52 7.87
C PHE A 70 12.77 -11.86 8.75
N ASP A 71 12.51 -10.62 9.13
CA ASP A 71 13.42 -9.84 9.98
C ASP A 71 12.77 -9.53 11.34
N GLY A 72 11.50 -9.89 11.49
CA GLY A 72 10.80 -9.58 12.72
C GLY A 72 10.45 -8.10 12.79
N PRO A 73 10.57 -7.47 13.96
CA PRO A 73 10.27 -6.03 14.13
C PRO A 73 11.32 -5.10 13.50
N GLY A 74 11.90 -5.56 12.40
CA GLY A 74 12.90 -4.78 11.68
C GLY A 74 12.30 -3.75 10.74
N ASN A 75 13.05 -2.68 10.46
CA ASN A 75 12.58 -1.58 9.60
C ASN A 75 11.94 -2.07 8.28
N VAL A 76 12.43 -3.18 7.73
CA VAL A 76 11.84 -3.72 6.51
C VAL A 76 10.40 -4.17 6.82
N LEU A 77 9.41 -3.44 6.34
CA LEU A 77 8.02 -3.78 6.62
C LEU A 77 7.28 -4.44 5.46
N ALA A 78 7.58 -4.03 4.23
CA ALA A 78 6.89 -4.59 3.05
C ALA A 78 7.50 -4.14 1.72
N HIS A 79 7.08 -4.79 0.65
CA HIS A 79 7.56 -4.43 -0.69
C HIS A 79 6.44 -4.63 -1.73
N ALA A 80 6.42 -3.78 -2.76
CA ALA A 80 5.37 -3.85 -3.78
C ALA A 80 5.91 -3.59 -5.21
N TYR A 81 5.10 -3.98 -6.20
CA TYR A 81 5.44 -3.78 -7.61
C TYR A 81 4.33 -2.97 -8.31
N ALA A 82 4.65 -2.34 -9.44
CA ALA A 82 3.65 -1.53 -10.15
C ALA A 82 3.78 -1.56 -11.69
N PRO A 83 4.89 -1.06 -12.29
CA PRO A 83 5.02 -1.02 -13.75
C PRO A 83 5.45 -2.36 -14.37
N GLY A 84 4.55 -3.32 -14.34
CA GLY A 84 4.85 -4.63 -14.90
C GLY A 84 3.65 -5.26 -15.60
N PRO A 85 3.87 -6.22 -16.51
CA PRO A 85 2.79 -6.91 -17.22
C PRO A 85 2.10 -7.96 -16.35
N GLY A 86 2.81 -8.43 -15.33
CA GLY A 86 2.26 -9.42 -14.41
C GLY A 86 2.21 -8.91 -12.98
N ILE A 87 3.37 -8.50 -12.47
CA ILE A 87 3.48 -7.96 -11.11
C ILE A 87 2.85 -6.56 -10.96
N ASN A 88 1.93 -6.24 -11.86
CA ASN A 88 1.22 -4.96 -11.83
C ASN A 88 0.40 -4.85 -10.54
N GLY A 89 0.76 -3.90 -9.69
CA GLY A 89 0.04 -3.67 -8.44
C GLY A 89 0.06 -4.85 -7.45
N ASP A 90 1.19 -5.52 -7.28
CA ASP A 90 1.24 -6.65 -6.35
C ASP A 90 2.21 -6.39 -5.18
N ALA A 91 1.75 -6.65 -3.95
CA ALA A 91 2.57 -6.38 -2.76
C ALA A 91 2.56 -7.53 -1.72
N HIS A 92 3.53 -7.47 -0.80
CA HIS A 92 3.66 -8.47 0.27
C HIS A 92 3.89 -7.80 1.64
N PHE A 93 3.30 -8.38 2.69
CA PHE A 93 3.46 -7.85 4.04
C PHE A 93 4.17 -8.88 4.95
N ASP A 94 5.05 -8.39 5.81
CA ASP A 94 5.78 -9.27 6.73
C ASP A 94 4.86 -9.82 7.84
N ASP A 95 4.29 -11.00 7.65
CA ASP A 95 3.37 -11.61 8.63
C ASP A 95 3.99 -11.72 10.04
N ASP A 96 5.29 -12.03 10.10
CA ASP A 96 6.01 -12.15 11.38
C ASP A 96 6.30 -10.76 12.01
N GLU A 97 5.25 -9.99 12.30
CA GLU A 97 5.43 -8.66 12.87
C GLU A 97 4.17 -8.14 13.61
N GLN A 98 4.35 -7.08 14.41
CA GLN A 98 3.24 -6.48 15.18
C GLN A 98 2.47 -5.47 14.33
N TRP A 99 1.52 -5.95 13.53
CA TRP A 99 0.73 -5.07 12.66
C TRP A 99 -0.36 -4.31 13.44
N THR A 100 -0.17 -3.00 13.62
CA THR A 100 -1.16 -2.18 14.35
C THR A 100 -1.81 -1.12 13.46
N LYS A 101 -2.82 -0.46 14.03
CA LYS A 101 -3.57 0.59 13.35
C LYS A 101 -3.46 1.91 14.14
N ASP A 102 -2.75 1.84 15.26
CA ASP A 102 -2.57 2.98 16.18
C ASP A 102 -1.06 3.27 16.42
N THR A 103 -0.24 3.10 15.37
CA THR A 103 1.23 3.32 15.45
C THR A 103 1.90 2.62 16.66
N THR A 104 1.20 1.64 17.24
CA THR A 104 1.69 0.89 18.41
C THR A 104 2.83 -0.09 18.03
N GLY A 105 3.20 -0.08 16.76
CA GLY A 105 4.28 -0.92 16.26
C GLY A 105 4.40 -0.78 14.74
N THR A 106 3.97 -1.80 14.01
CA THR A 106 4.00 -1.74 12.56
C THR A 106 2.62 -1.34 12.01
N ASN A 107 2.40 -0.03 11.89
CA ASN A 107 1.12 0.49 11.42
C ASN A 107 0.80 0.02 9.99
N LEU A 108 0.01 -1.05 9.89
CA LEU A 108 -0.33 -1.61 8.58
C LEU A 108 -1.24 -0.66 7.78
N PHE A 109 -1.98 0.19 8.46
CA PHE A 109 -2.84 1.16 7.78
C PHE A 109 -1.98 2.15 6.98
N LEU A 110 -0.91 2.64 7.61
CA LEU A 110 0.01 3.58 6.96
C LEU A 110 0.87 2.86 5.91
N VAL A 111 1.39 1.69 6.29
CA VAL A 111 2.21 0.89 5.38
C VAL A 111 1.42 0.47 4.13
N ALA A 112 0.18 0.00 4.33
CA ALA A 112 -0.66 -0.41 3.20
C ALA A 112 -0.89 0.76 2.24
N ALA A 113 -1.20 1.94 2.79
CA ALA A 113 -1.42 3.13 1.97
C ALA A 113 -0.17 3.45 1.14
N HIS A 114 0.99 3.24 1.77
CA HIS A 114 2.27 3.48 1.11
C HIS A 114 2.50 2.43 0.03
N GLU A 115 2.11 1.19 0.32
CA GLU A 115 2.27 0.09 -0.65
C GLU A 115 1.29 0.27 -1.82
N ILE A 116 0.07 0.72 -1.53
CA ILE A 116 -0.93 0.97 -2.57
C ILE A 116 -0.46 2.11 -3.49
N GLY A 117 0.15 3.13 -2.88
CA GLY A 117 0.67 4.23 -3.67
C GLY A 117 1.76 3.74 -4.64
N HIS A 118 2.55 2.79 -4.17
CA HIS A 118 3.60 2.18 -4.98
C HIS A 118 3.00 1.43 -6.17
N SER A 119 2.14 0.45 -5.85
CA SER A 119 1.48 -0.40 -6.85
C SER A 119 0.69 0.42 -7.89
N LEU A 120 0.11 1.53 -7.47
CA LEU A 120 -0.65 2.39 -8.40
C LEU A 120 0.28 2.97 -9.48
N GLY A 121 1.57 3.06 -9.19
CA GLY A 121 2.53 3.58 -10.16
C GLY A 121 3.44 4.68 -9.62
N LEU A 122 3.77 4.63 -8.35
CA LEU A 122 4.63 5.65 -7.76
C LEU A 122 5.81 5.05 -6.99
N PHE A 123 6.89 5.82 -6.87
CA PHE A 123 8.08 5.38 -6.17
C PHE A 123 8.20 6.03 -4.78
N HIS A 124 9.27 6.79 -4.56
CA HIS A 124 9.46 7.46 -3.27
C HIS A 124 9.46 8.98 -3.44
N SER A 125 9.06 9.67 -2.38
CA SER A 125 9.01 11.14 -2.39
C SER A 125 10.09 11.74 -1.49
N ALA A 126 9.92 13.00 -1.07
CA ALA A 126 10.93 13.66 -0.23
C ALA A 126 10.34 14.42 0.98
N ASN A 127 9.09 14.85 0.88
CA ASN A 127 8.46 15.59 1.98
C ASN A 127 8.11 14.66 3.16
N THR A 128 8.30 15.16 4.37
CA THR A 128 8.03 14.39 5.59
C THR A 128 6.53 14.11 5.80
N GLU A 129 5.67 14.89 5.14
CA GLU A 129 4.23 14.68 5.24
C GLU A 129 3.72 13.76 4.12
N ALA A 130 4.58 13.49 3.15
CA ALA A 130 4.21 12.65 2.01
C ALA A 130 4.01 11.19 2.39
N LEU A 131 2.91 10.61 1.90
CA LEU A 131 2.58 9.21 2.18
C LEU A 131 3.59 8.24 1.53
N MET A 132 4.36 8.75 0.57
CA MET A 132 5.35 7.92 -0.13
C MET A 132 6.79 8.18 0.33
N TYR A 133 6.94 8.75 1.52
CA TYR A 133 8.26 9.02 2.09
C TYR A 133 9.06 7.70 2.26
N PRO A 134 10.31 7.66 1.79
CA PRO A 134 11.16 6.44 1.87
C PRO A 134 11.72 6.12 3.27
N LEU A 135 11.12 6.68 4.32
CA LEU A 135 11.59 6.41 5.68
C LEU A 135 10.42 6.31 6.66
N TYR A 136 10.48 5.32 7.55
CA TYR A 136 9.43 5.10 8.55
C TYR A 136 9.09 6.40 9.31
N HIS A 137 7.82 6.76 9.32
CA HIS A 137 7.36 7.96 10.01
C HIS A 137 6.07 7.70 10.78
N SER A 138 6.11 6.72 11.66
CA SER A 138 4.96 6.35 12.48
C SER A 138 4.56 7.46 13.46
N LEU A 139 3.60 8.27 13.04
CA LEU A 139 3.12 9.39 13.87
C LEU A 139 1.81 9.04 14.59
N THR A 140 1.82 9.18 15.91
CA THR A 140 0.65 8.89 16.74
C THR A 140 -0.50 9.84 16.41
N ASP A 141 -0.15 11.01 15.88
CA ASP A 141 -1.16 12.02 15.50
C ASP A 141 -1.83 11.65 14.18
N LEU A 142 -2.88 10.83 14.26
CA LEU A 142 -3.60 10.41 13.06
C LEU A 142 -4.51 11.54 12.54
N THR A 143 -4.53 12.66 13.24
CA THR A 143 -5.39 13.78 12.85
C THR A 143 -4.64 14.66 11.83
N ARG A 144 -3.33 14.46 11.75
CA ARG A 144 -2.48 15.20 10.82
C ARG A 144 -2.22 14.40 9.54
N PHE A 145 -2.79 13.18 9.46
CA PHE A 145 -2.62 12.32 8.29
C PHE A 145 -3.22 12.97 7.04
N ARG A 146 -2.36 13.36 6.09
CA ARG A 146 -2.83 14.01 4.88
C ARG A 146 -1.88 13.81 3.69
N LEU A 147 -2.30 14.30 2.54
CA LEU A 147 -1.50 14.23 1.33
C LEU A 147 -0.81 15.59 1.13
N SER A 148 0.38 15.60 0.57
CA SER A 148 1.09 16.87 0.36
C SER A 148 1.45 17.08 -1.12
N GLN A 149 1.72 18.33 -1.49
CA GLN A 149 2.08 18.71 -2.88
C GLN A 149 3.13 17.77 -3.49
N ASP A 150 4.02 17.29 -2.64
CA ASP A 150 5.09 16.36 -3.05
C ASP A 150 4.50 15.07 -3.65
N ASP A 151 3.80 14.29 -2.84
CA ASP A 151 3.19 13.04 -3.31
C ASP A 151 2.01 13.33 -4.25
N ILE A 152 1.36 14.48 -4.05
CA ILE A 152 0.24 14.90 -4.90
C ILE A 152 0.66 14.95 -6.38
N ASN A 153 1.81 15.55 -6.66
CA ASN A 153 2.31 15.63 -8.03
C ASN A 153 2.56 14.23 -8.60
N GLY A 154 3.03 13.32 -7.73
CA GLY A 154 3.28 11.95 -8.14
C GLY A 154 2.01 11.25 -8.61
N ILE A 155 0.96 11.29 -7.78
CA ILE A 155 -0.31 10.67 -8.16
C ILE A 155 -1.00 11.47 -9.29
N GLN A 156 -0.73 12.77 -9.34
CA GLN A 156 -1.29 13.63 -10.38
C GLN A 156 -0.76 13.23 -11.75
N SER A 157 0.52 12.87 -11.80
CA SER A 157 1.15 12.41 -13.05
C SER A 157 0.47 11.13 -13.53
N LEU A 158 0.06 10.30 -12.58
CA LEU A 158 -0.63 9.04 -12.89
C LEU A 158 -2.07 9.32 -13.32
N TYR A 159 -2.91 9.80 -12.42
CA TYR A 159 -4.29 10.10 -12.79
C TYR A 159 -4.68 11.56 -12.54
N GLY A 160 -4.23 12.40 -13.46
CA GLY A 160 -4.50 13.83 -13.42
C GLY A 160 -4.15 14.45 -14.76
N PRO A 161 -3.84 15.75 -14.83
CA PRO A 161 -3.45 16.38 -16.10
C PRO A 161 -2.15 15.77 -16.69
#